data_2OFI
#
_entry.id   2OFI
#
_cell.length_a   101.963
_cell.length_b   101.963
_cell.length_c   55.461
_cell.angle_alpha   90.00
_cell.angle_beta   90.00
_cell.angle_gamma   120.00
#
_symmetry.space_group_name_H-M   'P 63'
#
loop_
_entity.id
_entity.type
_entity.pdbx_description
1 polymer "5'-D(*CP*GP*GP*AP*CP*TP*(3DR)P*AP*CP*GP*GP*G)-3'"
2 polymer "5'-D(*CP*CP*GP*TP*TP*AP*GP*TP*CP*CP*GP*C)-3'"
3 polymer '3-methyladenine DNA glycosylase I, constitutive'
4 non-polymer 'ZINC ION'
5 non-polymer 'SODIUM ION'
6 non-polymer 3-METHYL-3H-PURIN-6-YLAMINE
7 water water
#
loop_
_entity_poly.entity_id
_entity_poly.type
_entity_poly.pdbx_seq_one_letter_code
_entity_poly.pdbx_strand_id
1 'polydeoxyribonucleotide' (DC)(DC)(DG)(DT)(DT)(DA)(DG)(DT)(DC)(DC)(DG)(DC) C
2 'polydeoxyribonucleotide' (DC)(DG)(DG)(DA)(DC)(DT)(3DR)(DA)(DC)(DG)(DG)(DG) B
3 'polypeptide(L)'
;(MSE)QRCDWVSQDPLYIAYHDNEWGVPETDSRKLFE(MSE)ICLEGQQAGLSWITVLKKRENYRACFHQFDPIRIAA
(MSE)QEEDVERLLQNTGIIRHRGKIQAIISNARAWLA(MSE)EQNGESFADFVWSFVDGQPQITQAASLDKIPTSTPAS
DALAKALKKRGFKFVGTTICYSF(MSE)QACGLVNDHITGCFCHPG
;
A
#
loop_
_chem_comp.id
_chem_comp.type
_chem_comp.name
_chem_comp.formula
3DR DNA linking 1',2'-DIDEOXYRIBOFURANOSE-5'-PHOSPHATE 'C5 H11 O6 P'
ADK non-polymer 3-METHYL-3H-PURIN-6-YLAMINE 'C6 H7 N5'
DA DNA linking 2'-DEOXYADENOSINE-5'-MONOPHOSPHATE 'C10 H14 N5 O6 P'
DC DNA linking 2'-DEOXYCYTIDINE-5'-MONOPHOSPHATE 'C9 H14 N3 O7 P'
DG DNA linking 2'-DEOXYGUANOSINE-5'-MONOPHOSPHATE 'C10 H14 N5 O7 P'
DT DNA linking THYMIDINE-5'-MONOPHOSPHATE 'C10 H15 N2 O8 P'
NA non-polymer 'SODIUM ION' 'Na 1'
ZN non-polymer 'ZINC ION' 'Zn 2'
#
# COMPACT_ATOMS: atom_id res chain seq x y z
O5' 3DR B 7 13.81 -10.98 0.65
O5' 3DR B 7 12.56 -10.05 -2.13
P 3DR B 7 14.36 -12.45 0.27
P 3DR B 7 14.04 -9.53 -2.44
OP1 3DR B 7 15.94 -12.58 0.26
OP1 3DR B 7 14.10 -9.22 -3.99
OP2 3DR B 7 13.65 -13.58 1.13
OP2 3DR B 7 14.39 -8.27 -1.55
C2' 3DR B 7 10.02 -9.66 -1.45
C2' 3DR B 7 10.54 -10.89 0.84
C5' 3DR B 7 12.39 -10.83 0.83
C5' 3DR B 7 11.46 -9.17 -2.18
C4' 3DR B 7 11.80 -9.55 0.21
C4' 3DR B 7 10.36 -9.84 -1.36
O4' 3DR B 7 12.37 -9.34 -1.09
O4' 3DR B 7 10.34 -11.26 -1.52
C1' 3DR B 7 11.37 -9.38 -2.12
C1' 3DR B 7 10.42 -11.94 -0.26
C3' 3DR B 7 10.30 -9.72 0.05
C3' 3DR B 7 10.53 -9.54 0.13
O3' 3DR B 7 9.62 -8.55 0.50
O3' 3DR B 7 9.50 -8.67 0.54
N MSE C 1 21.34 15.01 -6.96
CA MSE C 1 20.26 14.81 -5.94
C MSE C 1 20.41 13.50 -5.16
O MSE C 1 20.33 12.43 -5.75
CB MSE C 1 18.91 14.83 -6.62
CG MSE C 1 17.81 15.39 -5.75
SE MSE C 1 17.74 17.37 -5.78
CE MSE C 1 19.05 17.83 -4.38
N GLN C 2 20.63 13.56 -3.85
CA GLN C 2 20.77 12.33 -3.06
C GLN C 2 19.38 11.82 -2.66
N ARG C 3 19.13 10.53 -2.88
CA ARG C 3 17.82 9.94 -2.59
C ARG C 3 17.98 8.71 -1.71
N CYS C 4 16.87 8.14 -1.25
CA CYS C 4 16.90 6.92 -0.44
C CYS C 4 17.59 5.79 -1.22
N ASP C 5 18.10 4.81 -0.47
CA ASP C 5 18.92 3.74 -1.01
C ASP C 5 18.19 2.85 -2.00
N TRP C 6 16.89 2.67 -1.82
CA TRP C 6 16.14 1.71 -2.61
C TRP C 6 15.71 2.25 -3.97
N VAL C 7 15.99 3.52 -4.25
CA VAL C 7 15.47 4.12 -5.48
C VAL C 7 16.43 3.69 -6.58
N SER C 8 15.91 3.09 -7.66
CA SER C 8 16.79 2.76 -8.80
C SER C 8 16.93 4.00 -9.69
N GLN C 9 17.58 3.82 -10.83
CA GLN C 9 17.72 4.86 -11.84
C GLN C 9 16.47 4.97 -12.75
N ASP C 10 15.49 4.11 -12.57
CA ASP C 10 14.31 4.10 -13.44
C ASP C 10 13.50 5.35 -13.15
N PRO C 11 13.23 6.20 -14.17
CA PRO C 11 12.57 7.50 -13.87
C PRO C 11 11.17 7.38 -13.24
N LEU C 12 10.48 6.28 -13.52
CA LEU C 12 9.17 5.99 -12.94
C LEU C 12 9.33 5.82 -11.40
N TYR C 13 10.36 5.10 -10.99
CA TYR C 13 10.62 4.84 -9.57
C TYR C 13 11.08 6.15 -8.89
N ILE C 14 11.88 6.92 -9.62
CA ILE C 14 12.33 8.22 -9.12
C ILE C 14 11.15 9.20 -8.86
N ALA C 15 10.25 9.32 -9.81
CA ALA C 15 9.08 10.20 -9.60
C ALA C 15 8.19 9.74 -8.42
N TYR C 16 7.97 8.43 -8.31
CA TYR C 16 7.20 7.83 -7.21
C TYR C 16 7.88 8.20 -5.88
N HIS C 17 9.18 8.01 -5.79
CA HIS C 17 9.90 8.38 -4.57
C HIS C 17 9.77 9.86 -4.26
N ASP C 18 9.98 10.70 -5.28
CA ASP C 18 10.05 12.13 -5.05
C ASP C 18 8.69 12.75 -4.76
N ASN C 19 7.64 12.22 -5.37
CA ASN C 19 6.33 12.89 -5.30
C ASN C 19 5.27 12.20 -4.47
N GLU C 20 5.43 10.90 -4.22
CA GLU C 20 4.39 10.15 -3.53
C GLU C 20 4.84 9.48 -2.26
N TRP C 21 6.00 8.81 -2.27
CA TRP C 21 6.35 7.98 -1.14
C TRP C 21 6.62 8.81 0.12
N GLY C 22 5.94 8.47 1.22
CA GLY C 22 6.15 9.17 2.50
C GLY C 22 5.35 10.46 2.60
N VAL C 23 4.54 10.81 1.58
CA VAL C 23 3.77 12.04 1.63
C VAL C 23 2.43 11.62 2.30
N PRO C 24 2.06 12.23 3.45
CA PRO C 24 0.83 11.80 4.15
C PRO C 24 -0.36 11.77 3.22
N GLU C 25 -0.99 10.60 3.15
CA GLU C 25 -2.19 10.44 2.32
C GLU C 25 -3.42 10.29 3.22
N THR C 26 -4.43 11.12 3.04
CA THR C 26 -5.57 11.08 3.95
C THR C 26 -6.87 10.65 3.22
N ASP C 27 -6.77 10.32 1.94
CA ASP C 27 -8.00 9.94 1.19
C ASP C 27 -8.27 8.44 1.33
N SER C 28 -9.47 8.07 1.78
CA SER C 28 -9.73 6.65 2.02
C SER C 28 -9.54 5.81 0.83
N ARG C 29 -9.99 6.26 -0.35
CA ARG C 29 -9.81 5.47 -1.59
C ARG C 29 -8.35 5.31 -2.04
N LYS C 30 -7.57 6.37 -1.91
CA LYS C 30 -6.15 6.26 -2.21
C LYS C 30 -5.45 5.30 -1.24
N LEU C 31 -5.81 5.37 0.03
CA LEU C 31 -5.24 4.45 1.02
C LEU C 31 -5.61 3.01 0.73
N PHE C 32 -6.85 2.79 0.32
CA PHE C 32 -7.32 1.46 -0.08
C PHE C 32 -6.48 0.99 -1.27
N GLU C 33 -6.33 1.80 -2.31
CA GLU C 33 -5.49 1.36 -3.42
C GLU C 33 -4.10 0.95 -2.95
N MSE C 34 -3.48 1.77 -2.07
CA MSE C 34 -2.14 1.46 -1.64
C MSE C 34 -2.01 0.20 -0.79
O MSE C 34 -1.02 -0.49 -0.95
CB MSE C 34 -1.48 2.69 -0.99
CG MSE C 34 -0.97 3.62 -2.11
SE MSE C 34 0.59 2.87 -3.23
CE MSE C 34 1.36 1.57 -1.97
N ILE C 35 -2.98 -0.09 0.10
CA ILE C 35 -2.86 -1.33 0.87
C ILE C 35 -3.01 -2.53 -0.08
N CYS C 36 -3.82 -2.38 -1.12
CA CYS C 36 -3.98 -3.45 -2.11
C CYS C 36 -2.66 -3.66 -2.91
N LEU C 37 -2.08 -2.57 -3.36
CA LEU C 37 -0.85 -2.70 -4.15
C LEU C 37 0.32 -3.26 -3.32
N GLU C 38 0.41 -2.87 -2.05
CA GLU C 38 1.45 -3.46 -1.15
C GLU C 38 1.23 -4.95 -1.01
N GLY C 39 -0.01 -5.39 -0.92
CA GLY C 39 -0.24 -6.84 -0.82
C GLY C 39 0.16 -7.53 -2.12
N GLN C 40 -0.01 -6.84 -3.25
CA GLN C 40 0.36 -7.45 -4.53
C GLN C 40 1.87 -7.64 -4.64
N GLN C 41 2.63 -6.86 -3.86
CA GLN C 41 4.10 -6.98 -3.85
C GLN C 41 4.62 -8.24 -3.16
N ALA C 42 3.80 -8.96 -2.40
CA ALA C 42 4.34 -10.05 -1.58
C ALA C 42 5.25 -11.03 -2.39
N GLY C 43 6.49 -11.22 -1.93
CA GLY C 43 7.43 -12.15 -2.58
C GLY C 43 8.14 -11.58 -3.81
N LEU C 44 7.78 -10.36 -4.18
CA LEU C 44 8.30 -9.75 -5.42
C LEU C 44 8.95 -8.43 -5.06
N SER C 45 9.64 -7.81 -6.01
CA SER C 45 10.10 -6.41 -5.80
C SER C 45 8.99 -5.40 -6.00
N TRP C 46 9.04 -4.31 -5.25
CA TRP C 46 8.03 -3.28 -5.43
C TRP C 46 8.00 -2.71 -6.86
N ILE C 47 9.17 -2.54 -7.49
CA ILE C 47 9.17 -1.96 -8.82
C ILE C 47 8.29 -2.78 -9.79
N THR C 48 8.28 -4.11 -9.63
CA THR C 48 7.38 -4.95 -10.47
C THR C 48 5.93 -4.48 -10.38
N VAL C 49 5.45 -4.21 -9.17
CA VAL C 49 4.08 -3.71 -8.97
C VAL C 49 3.93 -2.27 -9.48
N LEU C 50 4.90 -1.40 -9.16
CA LEU C 50 4.78 -0.02 -9.61
C LEU C 50 4.67 0.08 -11.11
N LYS C 51 5.50 -0.70 -11.80
CA LYS C 51 5.42 -0.68 -13.27
C LYS C 51 4.07 -1.13 -13.80
N LYS C 52 3.39 -1.97 -13.03
CA LYS C 52 2.05 -2.47 -13.40
C LYS C 52 0.92 -1.63 -12.82
N ARG C 53 1.23 -0.55 -12.14
CA ARG C 53 0.16 0.13 -11.42
C ARG C 53 -0.93 0.67 -12.33
N GLU C 54 -0.57 1.22 -13.48
CA GLU C 54 -1.62 1.66 -14.41
C GLU C 54 -2.48 0.50 -14.90
N ASN C 55 -1.88 -0.67 -15.11
CA ASN C 55 -2.67 -1.85 -15.48
C ASN C 55 -3.64 -2.24 -14.36
N TYR C 56 -3.16 -2.23 -13.13
CA TYR C 56 -4.07 -2.49 -11.96
C TYR C 56 -5.18 -1.47 -11.93
N ARG C 57 -4.85 -0.20 -12.12
CA ARG C 57 -5.95 0.79 -12.08
C ARG C 57 -6.98 0.54 -13.19
N ALA C 58 -6.54 0.09 -14.36
CA ALA C 58 -7.52 -0.21 -15.43
C ALA C 58 -8.31 -1.48 -15.10
N CYS C 59 -7.63 -2.54 -14.69
CA CYS C 59 -8.29 -3.82 -14.40
C CYS C 59 -9.23 -3.78 -13.18
N PHE C 60 -8.90 -2.95 -12.19
CA PHE C 60 -9.68 -2.93 -10.94
C PHE C 60 -10.42 -1.62 -10.77
N HIS C 61 -10.83 -1.05 -11.90
CA HIS C 61 -11.86 0.01 -11.88
C HIS C 61 -11.43 1.22 -11.08
N GLN C 62 -10.17 1.61 -11.27
CA GLN C 62 -9.59 2.74 -10.55
C GLN C 62 -9.71 2.60 -9.03
N PHE C 63 -9.77 1.35 -8.57
CA PHE C 63 -9.88 1.04 -7.15
C PHE C 63 -11.13 1.61 -6.50
N ASP C 64 -12.22 1.72 -7.27
CA ASP C 64 -13.53 2.05 -6.71
C ASP C 64 -14.08 0.77 -6.06
N PRO C 65 -14.21 0.74 -4.74
CA PRO C 65 -14.55 -0.51 -4.01
C PRO C 65 -15.93 -1.05 -4.43
N ILE C 66 -16.88 -0.18 -4.80
CA ILE C 66 -18.19 -0.70 -5.23
C ILE C 66 -18.08 -1.52 -6.50
N ARG C 67 -17.30 -1.03 -7.46
CA ARG C 67 -17.15 -1.75 -8.75
C ARG C 67 -16.36 -3.02 -8.53
N ILE C 68 -15.33 -2.92 -7.69
CA ILE C 68 -14.53 -4.08 -7.38
C ILE C 68 -15.39 -5.14 -6.67
N ALA C 69 -16.17 -4.73 -5.68
CA ALA C 69 -17.00 -5.67 -4.89
C ALA C 69 -18.02 -6.41 -5.77
N ALA C 70 -18.36 -5.85 -6.93
CA ALA C 70 -19.25 -6.52 -7.85
C ALA C 70 -18.60 -7.59 -8.74
N MSE C 71 -17.28 -7.69 -8.69
CA MSE C 71 -16.57 -8.65 -9.55
C MSE C 71 -16.84 -10.08 -9.12
O MSE C 71 -17.00 -10.32 -7.93
CB MSE C 71 -15.05 -8.35 -9.53
CG MSE C 71 -14.75 -7.01 -10.18
SE MSE C 71 -12.81 -6.58 -9.97
CE MSE C 71 -12.13 -7.47 -11.51
N GLN C 72 -16.85 -11.00 -10.08
CA GLN C 72 -17.28 -12.38 -9.87
C GLN C 72 -16.17 -13.35 -10.23
N GLU C 73 -16.42 -14.65 -9.96
CA GLU C 73 -15.46 -15.71 -10.26
C GLU C 73 -14.98 -15.62 -11.68
N GLU C 74 -15.88 -15.29 -12.60
CA GLU C 74 -15.53 -15.16 -14.00
C GLU C 74 -14.55 -14.04 -14.24
N ASP C 75 -14.63 -12.98 -13.43
CA ASP C 75 -13.70 -11.88 -13.62
C ASP C 75 -12.34 -12.32 -13.15
N VAL C 76 -12.31 -13.08 -12.05
CA VAL C 76 -11.05 -13.53 -11.47
C VAL C 76 -10.36 -14.44 -12.50
N GLU C 77 -11.11 -15.39 -13.05
CA GLU C 77 -10.48 -16.31 -14.00
C GLU C 77 -9.99 -15.57 -15.27
N ARG C 78 -10.75 -14.56 -15.71
CA ARG C 78 -10.27 -13.66 -16.77
C ARG C 78 -8.95 -12.92 -16.42
N LEU C 79 -8.94 -12.26 -15.28
CA LEU C 79 -7.73 -11.55 -14.83
C LEU C 79 -6.55 -12.48 -14.66
N LEU C 80 -6.79 -13.74 -14.31
CA LEU C 80 -5.70 -14.70 -14.17
C LEU C 80 -4.95 -14.93 -15.49
N GLN C 81 -5.56 -14.48 -16.58
CA GLN C 81 -4.91 -14.62 -17.88
C GLN C 81 -4.27 -13.31 -18.35
N ASN C 82 -4.41 -12.25 -17.56
CA ASN C 82 -4.00 -10.91 -17.99
C ASN C 82 -2.56 -10.69 -17.55
N THR C 83 -1.65 -10.61 -18.51
CA THR C 83 -0.22 -10.51 -18.20
C THR C 83 0.18 -9.11 -17.71
N GLY C 84 -0.75 -8.17 -17.74
CA GLY C 84 -0.46 -6.82 -17.25
C GLY C 84 -0.51 -6.70 -15.74
N ILE C 85 -1.02 -7.73 -15.05
CA ILE C 85 -1.06 -7.69 -13.57
C ILE C 85 -0.25 -8.90 -13.06
N ILE C 86 -0.33 -9.21 -11.78
CA ILE C 86 0.32 -10.43 -11.31
C ILE C 86 -0.77 -11.53 -11.32
N ARG C 87 -0.51 -12.62 -12.05
CA ARG C 87 -1.51 -13.65 -12.33
C ARG C 87 -1.41 -14.68 -11.20
N HIS C 88 -2.00 -14.31 -10.06
CA HIS C 88 -1.89 -15.10 -8.82
C HIS C 88 -3.31 -15.03 -8.27
N ARG C 89 -4.05 -16.15 -8.26
CA ARG C 89 -5.48 -16.13 -7.90
C ARG C 89 -5.72 -15.53 -6.53
N GLY C 90 -4.90 -15.91 -5.54
CA GLY C 90 -5.10 -15.43 -4.16
C GLY C 90 -4.95 -13.91 -4.09
N LYS C 91 -3.98 -13.38 -4.81
CA LYS C 91 -3.78 -11.92 -4.83
C LYS C 91 -4.93 -11.17 -5.55
N ILE C 92 -5.41 -11.72 -6.66
CA ILE C 92 -6.57 -11.09 -7.33
C ILE C 92 -7.79 -11.14 -6.41
N GLN C 93 -8.05 -12.30 -5.81
CA GLN C 93 -9.19 -12.42 -4.90
C GLN C 93 -9.06 -11.50 -3.71
N ALA C 94 -7.82 -11.24 -3.28
CA ALA C 94 -7.56 -10.37 -2.11
C ALA C 94 -8.04 -8.96 -2.37
N ILE C 95 -7.87 -8.48 -3.61
CA ILE C 95 -8.32 -7.12 -3.89
C ILE C 95 -9.83 -7.06 -3.73
N ILE C 96 -10.51 -8.11 -4.21
CA ILE C 96 -11.98 -8.16 -4.14
C ILE C 96 -12.42 -8.27 -2.70
N SER C 97 -11.78 -9.14 -1.92
CA SER C 97 -12.05 -9.28 -0.48
C SER C 97 -11.85 -8.01 0.27
N ASN C 98 -10.76 -7.32 -0.05
CA ASN C 98 -10.40 -6.07 0.60
C ASN C 98 -11.43 -5.01 0.30
N ALA C 99 -11.88 -4.94 -0.95
CA ALA C 99 -12.97 -3.98 -1.30
C ALA C 99 -14.24 -4.26 -0.49
N ARG C 100 -14.64 -5.52 -0.40
CA ARG C 100 -15.81 -5.85 0.41
C ARG C 100 -15.58 -5.52 1.87
N ALA C 101 -14.35 -5.79 2.35
CA ALA C 101 -14.00 -5.44 3.73
C ALA C 101 -14.09 -3.93 3.99
N TRP C 102 -13.60 -3.12 3.05
CA TRP C 102 -13.67 -1.65 3.14
C TRP C 102 -15.14 -1.17 3.17
N LEU C 103 -15.95 -1.72 2.26
CA LEU C 103 -17.39 -1.37 2.24
C LEU C 103 -18.09 -1.69 3.55
N ALA C 104 -17.75 -2.84 4.13
CA ALA C 104 -18.34 -3.29 5.39
C ALA C 104 -17.97 -2.31 6.50
N MSE C 105 -16.75 -1.77 6.46
CA MSE C 105 -16.38 -0.69 7.36
C MSE C 105 -17.14 0.61 7.11
O MSE C 105 -17.65 1.21 8.07
CB MSE C 105 -14.88 -0.39 7.32
CG MSE C 105 -14.02 -1.51 7.86
SE MSE C 105 -12.14 -1.14 7.41
CE MSE C 105 -12.05 0.40 8.58
N GLU C 106 -17.13 1.07 5.86
CA GLU C 106 -17.50 2.45 5.49
C GLU C 106 -19.00 2.66 5.45
N GLN C 107 -19.75 1.63 5.08
CA GLN C 107 -21.23 1.72 5.11
C GLN C 107 -21.74 1.62 6.53
N ASN C 108 -20.84 1.33 7.47
CA ASN C 108 -21.22 1.06 8.87
C ASN C 108 -20.48 1.94 9.94
N GLY C 109 -20.18 3.18 9.58
CA GLY C 109 -19.58 4.13 10.52
C GLY C 109 -18.10 4.46 10.39
N GLU C 110 -17.28 3.48 9.96
CA GLU C 110 -15.82 3.56 10.04
C GLU C 110 -15.19 4.09 8.77
N SER C 111 -14.54 5.24 8.84
CA SER C 111 -13.69 5.75 7.74
C SER C 111 -12.41 4.92 7.72
N PHE C 112 -12.06 4.38 6.55
CA PHE C 112 -10.79 3.68 6.38
C PHE C 112 -9.61 4.62 6.66
N ALA C 113 -9.69 5.85 6.18
CA ALA C 113 -8.63 6.84 6.51
C ALA C 113 -8.52 7.11 8.01
N ASP C 114 -9.64 7.35 8.69
CA ASP C 114 -9.57 7.55 10.16
C ASP C 114 -9.00 6.32 10.85
N PHE C 115 -9.41 5.15 10.38
CA PHE C 115 -8.96 3.89 10.93
C PHE C 115 -7.44 3.73 10.79
N VAL C 116 -6.88 3.87 9.58
CA VAL C 116 -5.43 3.65 9.52
C VAL C 116 -4.64 4.73 10.28
N TRP C 117 -5.12 5.97 10.24
CA TRP C 117 -4.39 7.07 10.90
C TRP C 117 -4.46 6.98 12.42
N SER C 118 -5.34 6.10 12.92
CA SER C 118 -5.49 5.88 14.35
C SER C 118 -4.29 5.11 14.89
N PHE C 119 -3.49 4.48 14.03
CA PHE C 119 -2.29 3.74 14.47
C PHE C 119 -1.05 4.61 14.61
N VAL C 120 -1.19 5.90 14.29
CA VAL C 120 -0.10 6.83 14.55
C VAL C 120 -0.54 7.90 15.55
N ASP C 121 0.40 8.31 16.38
CA ASP C 121 0.09 9.25 17.46
C ASP C 121 0.64 10.60 17.02
N GLY C 122 -0.26 11.50 16.63
CA GLY C 122 0.08 12.84 16.13
C GLY C 122 0.76 12.92 14.77
N GLN C 123 1.90 13.59 14.72
CA GLN C 123 2.67 13.75 13.49
C GLN C 123 3.39 12.45 13.09
N PRO C 124 3.46 12.14 11.80
CA PRO C 124 4.22 10.93 11.43
C PRO C 124 5.64 10.93 12.06
N GLN C 125 6.07 9.79 12.56
CA GLN C 125 7.42 9.68 13.10
C GLN C 125 8.46 9.79 11.98
N ILE C 126 9.45 10.65 12.18
CA ILE C 126 10.48 10.86 11.18
C ILE C 126 11.73 10.01 11.52
N THR C 127 12.22 9.25 10.55
CA THR C 127 13.32 8.35 10.84
C THR C 127 14.57 9.12 11.22
N GLN C 128 15.45 8.48 11.98
CA GLN C 128 16.72 9.02 12.32
C GLN C 128 17.79 8.23 11.58
N ALA C 129 17.38 7.30 10.72
CA ALA C 129 18.32 6.42 10.03
C ALA C 129 18.99 7.13 8.87
N ALA C 130 20.29 6.89 8.71
CA ALA C 130 21.05 7.40 7.57
C ALA C 130 21.13 6.38 6.44
N SER C 131 20.69 5.15 6.68
CA SER C 131 20.80 4.09 5.67
C SER C 131 19.69 3.06 5.81
N LEU C 132 19.42 2.35 4.72
CA LEU C 132 18.27 1.45 4.66
C LEU C 132 18.36 0.34 5.69
N ASP C 133 19.58 -0.11 5.96
CA ASP C 133 19.77 -1.22 6.88
C ASP C 133 19.38 -0.84 8.30
N LYS C 134 19.20 0.47 8.58
CA LYS C 134 18.81 0.92 9.92
C LYS C 134 17.34 1.30 10.01
N ILE C 135 16.59 1.03 8.96
CA ILE C 135 15.15 1.29 8.98
C ILE C 135 14.45 -0.06 9.28
N PRO C 136 13.48 -0.07 10.20
CA PRO C 136 12.85 -1.34 10.49
C PRO C 136 12.01 -1.86 9.33
N THR C 137 11.73 -3.16 9.34
CA THR C 137 10.83 -3.70 8.29
C THR C 137 9.43 -3.93 8.83
N SER C 138 9.31 -3.92 10.15
CA SER C 138 8.00 -3.89 10.80
C SER C 138 8.20 -3.31 12.19
N THR C 139 7.09 -2.88 12.80
CA THR C 139 7.13 -2.20 14.10
C THR C 139 5.93 -2.62 14.91
N PRO C 140 5.89 -2.27 16.21
CA PRO C 140 4.65 -2.51 16.97
C PRO C 140 3.37 -1.95 16.34
N ALA C 141 3.47 -0.76 15.78
CA ALA C 141 2.31 -0.15 15.10
C ALA C 141 1.87 -0.97 13.88
N SER C 142 2.83 -1.42 13.06
CA SER C 142 2.48 -2.21 11.87
C SER C 142 1.91 -3.56 12.32
N ASP C 143 2.43 -4.10 13.44
CA ASP C 143 1.86 -5.35 14.00
C ASP C 143 0.40 -5.18 14.37
N ALA C 144 0.09 -4.05 14.98
CA ALA C 144 -1.27 -3.75 15.45
C ALA C 144 -2.19 -3.48 14.25
N LEU C 145 -1.67 -2.74 13.29
CA LEU C 145 -2.49 -2.43 12.10
C LEU C 145 -2.81 -3.73 11.34
N ALA C 146 -1.81 -4.59 11.17
CA ALA C 146 -2.02 -5.88 10.48
C ALA C 146 -3.08 -6.74 11.18
N LYS C 147 -3.05 -6.78 12.52
CA LYS C 147 -3.95 -7.64 13.27
C LYS C 147 -5.38 -7.09 13.12
N ALA C 148 -5.51 -5.77 13.17
CA ALA C 148 -6.83 -5.09 13.05
C ALA C 148 -7.41 -5.23 11.65
N LEU C 149 -6.57 -5.10 10.61
CA LEU C 149 -7.02 -5.34 9.22
C LEU C 149 -7.48 -6.78 9.01
N LYS C 150 -6.72 -7.75 9.55
CA LYS C 150 -7.12 -9.16 9.40
C LYS C 150 -8.45 -9.45 10.07
N LYS C 151 -8.66 -8.89 11.27
CA LYS C 151 -9.95 -9.02 11.98
C LYS C 151 -11.11 -8.49 11.13
N ARG C 152 -10.82 -7.50 10.31
CA ARG C 152 -11.84 -6.82 9.49
C ARG C 152 -12.01 -7.44 8.14
N GLY C 153 -11.29 -8.54 7.87
CA GLY C 153 -11.55 -9.35 6.67
C GLY C 153 -10.56 -9.08 5.53
N PHE C 154 -9.51 -8.28 5.78
CA PHE C 154 -8.52 -7.97 4.74
C PHE C 154 -7.59 -9.13 4.53
N LYS C 155 -7.02 -9.25 3.32
CA LYS C 155 -6.17 -10.38 2.98
C LYS C 155 -4.91 -9.79 2.40
N PHE C 156 -3.82 -10.56 2.46
CA PHE C 156 -2.48 -10.09 2.03
C PHE C 156 -2.10 -8.80 2.72
N VAL C 157 -2.18 -8.84 4.09
CA VAL C 157 -1.93 -7.67 4.99
C VAL C 157 -1.14 -7.96 6.31
N GLY C 158 -0.01 -8.58 6.16
CA GLY C 158 0.83 -8.89 7.35
C GLY C 158 1.61 -7.70 7.83
N THR C 159 2.37 -7.90 8.90
CA THR C 159 3.05 -6.75 9.49
C THR C 159 4.07 -6.06 8.55
N THR C 160 4.74 -6.82 7.69
CA THR C 160 5.78 -6.23 6.86
C THR C 160 5.09 -5.44 5.73
N ILE C 161 4.07 -6.04 5.13
CA ILE C 161 3.25 -5.32 4.14
C ILE C 161 2.67 -4.04 4.77
N CYS C 162 2.14 -4.16 5.98
CA CYS C 162 1.50 -3.00 6.64
C CYS C 162 2.51 -1.90 6.91
N TYR C 163 3.72 -2.28 7.29
CA TYR C 163 4.74 -1.23 7.53
C TYR C 163 5.16 -0.56 6.22
N SER C 164 5.34 -1.33 5.14
CA SER C 164 5.62 -0.71 3.84
C SER C 164 4.51 0.23 3.41
N PHE C 165 3.26 -0.17 3.66
CA PHE C 165 2.09 0.72 3.40
C PHE C 165 2.20 2.03 4.25
N MSE C 166 2.48 1.86 5.53
CA MSE C 166 2.69 3.05 6.42
C MSE C 166 3.78 3.98 5.88
O MSE C 166 3.60 5.21 5.94
CB MSE C 166 2.97 2.64 7.86
CG MSE C 166 1.75 2.02 8.56
SE MSE C 166 2.29 1.30 10.29
CE MSE C 166 2.92 2.92 11.15
N GLN C 167 4.91 3.46 5.40
CA GLN C 167 5.95 4.29 4.81
C GLN C 167 5.40 4.96 3.59
N ALA C 168 4.78 4.16 2.71
CA ALA C 168 4.39 4.69 1.41
C ALA C 168 3.40 5.83 1.53
N CYS C 169 2.46 5.69 2.48
CA CYS C 169 1.33 6.66 2.60
C CYS C 169 1.62 7.71 3.65
N GLY C 170 2.85 7.69 4.16
CA GLY C 170 3.36 8.72 5.05
C GLY C 170 2.90 8.69 6.47
N LEU C 171 2.34 7.56 6.93
CA LEU C 171 2.01 7.40 8.36
C LEU C 171 3.30 7.38 9.18
N VAL C 172 4.40 7.00 8.52
CA VAL C 172 5.74 7.28 9.05
C VAL C 172 6.53 7.88 7.92
N ASN C 173 7.59 8.61 8.24
CA ASN C 173 8.37 9.24 7.19
C ASN C 173 9.75 8.64 7.25
N ASP C 174 10.03 7.70 6.35
CA ASP C 174 11.28 6.94 6.41
C ASP C 174 12.28 7.32 5.30
N HIS C 175 12.22 8.53 4.77
CA HIS C 175 13.24 9.03 3.88
C HIS C 175 14.51 9.14 4.73
N ILE C 176 15.59 8.50 4.30
CA ILE C 176 16.82 8.57 5.14
C ILE C 176 17.33 10.00 5.33
N THR C 177 18.10 10.23 6.39
CA THR C 177 18.52 11.61 6.74
C THR C 177 19.22 12.37 5.59
N GLY C 178 19.97 11.64 4.76
CA GLY C 178 20.70 12.27 3.64
C GLY C 178 19.88 12.43 2.37
N CYS C 179 18.66 11.91 2.35
CA CYS C 179 17.76 12.07 1.19
C CYS C 179 17.25 13.51 1.07
N PHE C 180 17.23 14.05 -0.14
CA PHE C 180 16.75 15.44 -0.28
C PHE C 180 15.28 15.65 0.19
N CYS C 181 14.50 14.57 0.26
CA CYS C 181 13.11 14.64 0.73
C CYS C 181 12.98 14.52 2.24
N HIS C 182 14.07 14.19 2.95
CA HIS C 182 14.02 14.16 4.40
C HIS C 182 13.64 15.50 4.97
N PRO C 183 12.67 15.54 5.89
CA PRO C 183 12.29 16.83 6.46
C PRO C 183 13.35 17.26 7.47
N GLY C 184 14.52 17.65 6.97
CA GLY C 184 15.69 17.93 7.82
C GLY C 184 15.64 19.30 8.48
ZN ZN D . 13.96 9.53 0.11
NA NA E . -3.33 9.42 14.47
N9 ADK F . 8.83 -2.03 -0.83
C4 ADK F . 8.66 -0.76 -1.22
N3 ADK F . 9.65 0.22 -1.61
C2 ADK F . 9.27 1.45 -1.99
N1 ADK F . 7.97 1.78 -2.03
C6 ADK F . 6.98 0.93 -1.70
N6 ADK F . 5.70 1.32 -1.75
C5 ADK F . 7.28 -0.45 -1.23
N7 ADK F . 6.62 -1.58 -0.87
C8 ADK F . 7.56 -2.52 -0.58
C3A ADK F . 11.10 -0.12 -1.57
#